data_7YIT
#
_entry.id   7YIT
#
_cell.length_a   70.750
_cell.length_b   76.530
_cell.length_c   154.460
_cell.angle_alpha   90.000
_cell.angle_beta   90.000
_cell.angle_gamma   90.000
#
_symmetry.space_group_name_H-M   'P 2 21 21'
#
loop_
_entity.id
_entity.type
_entity.pdbx_description
1 polymer 'Kappa-type opioid receptor'
2 polymer Nanobody39
3 polymer 'Soluble cytochrome b562'
4 non-polymer nalfurafine
#
loop_
_entity_poly.entity_id
_entity_poly.type
_entity_poly.pdbx_seq_one_letter_code
_entity_poly.pdbx_strand_id
1 'polypeptide(L)'
;ISPAIPVIITAVYSVVFVVGLVGNSLVMFVIIRYTKMKTATNIYIFNLALADALVTTTMPFQSTVYLMNSWPFGDVLCKI
VLSIDYYNMFTSIFTLTMMSVDRYIAVCHPVKALDFRTPLKAKIINICIWLLSSSVGISAIVLGGTKVREDVDVIECSLQ
FPDDDYSWWDLFMKICVFIFAFVIPVLIIIVCYTLMILRLKSVRLLSGSREKDRNLRRITRLVLVVVAVFVVCWTPIHIF
ILVEALGSTSHSTAALSSYYFCIALGYTNSCLNPILYAFLDENFKRCFRDFCFPLKMRMERQSTS
;
A
2 'polypeptide(L)'
;MAQVQLVESGGGLVRPGGSLRLSCVDSERTSYPMGWFRRAPGKEREFVASITWSGIDPTYADSVADRFTTSRDVANNTLY
LQMNSLKHEDTAVYYCAARAPVGQSSSPYDYDYWGQGTQVTVS
;
D
3 'polypeptide(L)'
;MADLEDNWETLNDNLKVIEKADNAAQVKDALTKMRAAALDAQKATPPKLEDKSPDSPEMKDFRHGFDILVGQIDDALKLA
NEGKEKEAQAAAEQLKTTRNAYIQKYLGS
;
E
#
loop_
_chem_comp.id
_chem_comp.type
_chem_comp.name
_chem_comp.formula
IVB non-polymer nalfurafine 'C28 H32 N2 O5'
#
# COMPACT_ATOMS: atom_id res chain seq x y z
N SER A 2 -29.88 11.07 -0.09
CA SER A 2 -28.49 11.46 0.11
C SER A 2 -27.54 10.33 -0.32
N PRO A 3 -27.36 10.15 -1.63
CA PRO A 3 -26.38 9.16 -2.10
C PRO A 3 -24.97 9.70 -2.03
N ALA A 4 -24.64 10.37 -0.92
CA ALA A 4 -23.29 10.88 -0.73
C ALA A 4 -22.31 9.74 -0.48
N ILE A 5 -22.72 8.76 0.34
CA ILE A 5 -21.83 7.65 0.69
C ILE A 5 -21.32 6.92 -0.55
N PRO A 6 -22.17 6.53 -1.51
CA PRO A 6 -21.60 6.01 -2.77
C PRO A 6 -20.69 7.01 -3.46
N VAL A 7 -20.98 8.31 -3.33
CA VAL A 7 -20.16 9.33 -4.00
C VAL A 7 -18.80 9.46 -3.32
N ILE A 8 -18.78 9.58 -1.98
CA ILE A 8 -17.50 9.70 -1.29
C ILE A 8 -16.60 8.53 -1.59
N ILE A 9 -17.14 7.31 -1.55
CA ILE A 9 -16.29 6.14 -1.66
C ILE A 9 -15.71 6.02 -3.06
N THR A 10 -16.56 6.18 -4.09
CA THR A 10 -16.04 6.07 -5.45
C THR A 10 -15.03 7.16 -5.72
N ALA A 11 -15.15 8.31 -5.03
CA ALA A 11 -14.12 9.33 -5.07
C ALA A 11 -12.80 8.78 -4.54
N VAL A 12 -12.83 8.18 -3.35
CA VAL A 12 -11.62 7.59 -2.78
C VAL A 12 -11.01 6.58 -3.75
N TYR A 13 -11.85 5.72 -4.31
CA TYR A 13 -11.37 4.80 -5.34
C TYR A 13 -10.86 5.55 -6.55
N SER A 14 -11.39 6.76 -6.79
CA SER A 14 -10.95 7.57 -7.92
C SER A 14 -9.67 8.33 -7.60
N VAL A 15 -9.58 8.93 -6.41
CA VAL A 15 -8.35 9.58 -5.99
C VAL A 15 -7.21 8.55 -5.91
N VAL A 16 -7.48 7.42 -5.25
CA VAL A 16 -6.42 6.43 -5.02
C VAL A 16 -6.00 5.78 -6.33
N PHE A 17 -6.95 5.56 -7.24
CA PHE A 17 -6.67 4.93 -8.53
C PHE A 17 -5.51 5.62 -9.23
N VAL A 18 -5.62 6.94 -9.39
CA VAL A 18 -4.69 7.65 -10.26
C VAL A 18 -3.34 7.83 -9.59
N VAL A 19 -3.33 8.24 -8.31
CA VAL A 19 -2.07 8.45 -7.60
C VAL A 19 -1.22 7.19 -7.65
N GLY A 20 -1.84 6.03 -7.42
CA GLY A 20 -1.13 4.78 -7.60
C GLY A 20 -0.79 4.51 -9.05
N LEU A 21 -1.75 4.72 -9.95
CA LEU A 21 -1.51 4.41 -11.34
C LEU A 21 -0.49 5.38 -11.94
N VAL A 22 -0.66 6.69 -11.70
CA VAL A 22 0.28 7.67 -12.24
C VAL A 22 1.67 7.43 -11.67
N GLY A 23 1.76 7.38 -10.34
CA GLY A 23 3.07 7.21 -9.72
C GLY A 23 3.76 5.95 -10.17
N ASN A 24 3.06 4.80 -10.08
CA ASN A 24 3.67 3.53 -10.41
C ASN A 24 4.03 3.46 -11.88
N SER A 25 3.17 4.00 -12.75
CA SER A 25 3.55 4.13 -14.15
C SER A 25 4.73 5.07 -14.32
N LEU A 26 4.63 6.26 -13.71
CA LEU A 26 5.72 7.23 -13.82
C LEU A 26 7.00 6.72 -13.19
N VAL A 27 6.90 6.07 -12.01
CA VAL A 27 8.09 5.54 -11.36
C VAL A 27 8.73 4.47 -12.23
N MET A 28 7.92 3.57 -12.80
CA MET A 28 8.47 2.55 -13.69
C MET A 28 9.12 3.18 -14.91
N PHE A 29 8.45 4.14 -15.55
CA PHE A 29 8.99 4.71 -16.78
C PHE A 29 10.16 5.65 -16.51
N VAL A 30 10.31 6.15 -15.28
CA VAL A 30 11.55 6.84 -14.91
C VAL A 30 12.68 5.84 -14.78
N ILE A 31 12.42 4.71 -14.11
CA ILE A 31 13.46 3.70 -13.91
C ILE A 31 13.90 3.11 -15.25
N ILE A 32 12.94 2.74 -16.11
CA ILE A 32 13.33 1.99 -17.30
C ILE A 32 14.12 2.86 -18.26
N ARG A 33 13.86 4.18 -18.27
CA ARG A 33 14.55 5.08 -19.19
C ARG A 33 15.75 5.78 -18.53
N TYR A 34 15.52 6.45 -17.41
CA TYR A 34 16.58 7.24 -16.79
C TYR A 34 17.68 6.35 -16.22
N THR A 35 17.35 5.52 -15.23
CA THR A 35 18.31 4.65 -14.55
C THR A 35 18.04 3.20 -14.95
N LYS A 36 18.61 2.77 -16.07
CA LYS A 36 18.41 1.42 -16.60
C LYS A 36 18.71 0.34 -15.56
N LYS A 38 21.94 -2.51 -13.16
CA LYS A 38 21.24 -1.56 -12.30
C LYS A 38 21.56 -1.84 -10.83
N THR A 39 21.43 -0.81 -10.00
CA THR A 39 21.62 -0.98 -8.57
C THR A 39 20.53 -1.90 -8.02
N ALA A 40 20.83 -2.56 -6.91
CA ALA A 40 19.87 -3.51 -6.34
C ALA A 40 18.58 -2.81 -5.96
N THR A 41 18.67 -1.66 -5.30
CA THR A 41 17.46 -0.93 -4.90
C THR A 41 16.58 -0.62 -6.10
N ASN A 42 17.19 -0.35 -7.27
CA ASN A 42 16.41 -0.05 -8.47
C ASN A 42 15.55 -1.23 -8.89
N ILE A 43 16.10 -2.45 -8.80
CA ILE A 43 15.33 -3.64 -9.14
C ILE A 43 14.14 -3.79 -8.19
N TYR A 44 14.34 -3.49 -6.90
CA TYR A 44 13.25 -3.62 -5.94
C TYR A 44 12.14 -2.60 -6.20
N ILE A 45 12.50 -1.32 -6.34
CA ILE A 45 11.47 -0.31 -6.51
C ILE A 45 10.69 -0.56 -7.80
N PHE A 46 11.39 -0.90 -8.87
CA PHE A 46 10.72 -1.15 -10.15
C PHE A 46 9.72 -2.28 -10.03
N ASN A 47 10.15 -3.43 -9.53
CA ASN A 47 9.26 -4.58 -9.48
C ASN A 47 8.12 -4.34 -8.50
N LEU A 48 8.42 -3.74 -7.34
CA LEU A 48 7.33 -3.34 -6.44
C LEU A 48 6.38 -2.41 -7.17
N ALA A 49 6.91 -1.39 -7.84
CA ALA A 49 6.07 -0.49 -8.61
C ALA A 49 5.29 -1.25 -9.68
N LEU A 50 5.99 -2.04 -10.50
CA LEU A 50 5.32 -2.81 -11.54
C LEU A 50 4.23 -3.69 -10.95
N ALA A 51 4.56 -4.41 -9.87
CA ALA A 51 3.57 -5.24 -9.20
C ALA A 51 2.44 -4.39 -8.65
N ASP A 52 2.75 -3.49 -7.71
CA ASP A 52 1.68 -2.76 -7.07
C ASP A 52 1.13 -1.65 -7.95
N ALA A 53 1.57 -1.59 -9.21
CA ALA A 53 0.79 -0.91 -10.22
C ALA A 53 -0.41 -1.76 -10.63
N LEU A 54 -0.18 -3.06 -10.87
CA LEU A 54 -1.22 -3.92 -11.42
C LEU A 54 -2.36 -4.16 -10.43
N VAL A 55 -2.12 -3.94 -9.13
CA VAL A 55 -3.23 -4.04 -8.18
C VAL A 55 -4.19 -2.88 -8.37
N THR A 56 -3.67 -1.68 -8.61
CA THR A 56 -4.51 -0.51 -8.88
C THR A 56 -5.24 -0.62 -10.21
N THR A 57 -4.85 -1.55 -11.08
CA THR A 57 -5.63 -1.89 -12.27
C THR A 57 -6.97 -2.51 -11.91
N THR A 58 -7.04 -3.19 -10.77
CA THR A 58 -8.24 -3.90 -10.33
C THR A 58 -9.24 -3.01 -9.61
N MET A 59 -9.01 -1.70 -9.57
CA MET A 59 -9.91 -0.77 -8.88
C MET A 59 -11.22 -0.49 -9.64
N PRO A 60 -11.24 -0.42 -10.97
CA PRO A 60 -12.54 -0.23 -11.65
C PRO A 60 -13.49 -1.39 -11.40
N PHE A 61 -13.02 -2.62 -11.61
CA PHE A 61 -13.87 -3.79 -11.45
C PHE A 61 -14.39 -3.89 -10.03
N GLN A 62 -13.54 -3.63 -9.04
CA GLN A 62 -13.98 -3.66 -7.65
C GLN A 62 -14.90 -2.49 -7.33
N SER A 63 -14.70 -1.34 -7.98
CA SER A 63 -15.57 -0.20 -7.75
C SER A 63 -16.91 -0.38 -8.44
N THR A 64 -16.92 -1.03 -9.61
CA THR A 64 -18.17 -1.30 -10.32
C THR A 64 -19.15 -2.01 -9.39
N VAL A 65 -18.70 -3.10 -8.78
CA VAL A 65 -19.58 -3.94 -7.96
C VAL A 65 -20.12 -3.14 -6.78
N TYR A 66 -19.37 -2.16 -6.28
CA TYR A 66 -19.84 -1.38 -5.15
C TYR A 66 -21.14 -0.66 -5.52
N LEU A 67 -21.03 0.27 -6.46
CA LEU A 67 -22.18 1.07 -6.84
C LEU A 67 -23.24 0.20 -7.49
N MET A 68 -22.82 -0.73 -8.37
CA MET A 68 -23.75 -1.53 -9.13
C MET A 68 -24.36 -2.65 -8.32
N ASN A 69 -23.68 -3.07 -7.25
CA ASN A 69 -24.12 -4.17 -6.40
C ASN A 69 -24.37 -5.43 -7.20
N SER A 70 -23.48 -5.71 -8.16
CA SER A 70 -23.47 -6.92 -8.97
C SER A 70 -22.25 -6.83 -9.89
N TRP A 71 -21.97 -7.93 -10.59
CA TRP A 71 -20.76 -8.09 -11.39
C TRP A 71 -21.09 -8.27 -12.87
N PRO A 72 -21.17 -7.19 -13.65
CA PRO A 72 -21.62 -7.29 -15.04
C PRO A 72 -20.56 -7.76 -16.03
N PHE A 73 -19.38 -8.18 -15.55
CA PHE A 73 -18.28 -8.49 -16.46
C PHE A 73 -18.13 -9.97 -16.76
N GLY A 74 -18.92 -10.84 -16.14
CA GLY A 74 -18.92 -12.25 -16.49
C GLY A 74 -17.89 -13.05 -15.73
N ASP A 75 -17.79 -14.33 -16.13
CA ASP A 75 -16.95 -15.29 -15.42
C ASP A 75 -15.47 -15.12 -15.78
N VAL A 76 -15.15 -15.21 -17.07
CA VAL A 76 -13.75 -15.18 -17.50
C VAL A 76 -13.08 -13.88 -17.05
N LEU A 77 -13.80 -12.76 -17.12
CA LEU A 77 -13.23 -11.51 -16.62
C LEU A 77 -13.21 -11.44 -15.10
N CYS A 78 -14.01 -12.27 -14.42
CA CYS A 78 -13.87 -12.37 -12.97
C CYS A 78 -12.67 -13.22 -12.58
N LYS A 79 -12.35 -14.23 -13.38
CA LYS A 79 -11.22 -15.09 -13.07
C LYS A 79 -9.89 -14.33 -13.15
N ILE A 80 -9.67 -13.60 -14.25
CA ILE A 80 -8.40 -12.91 -14.44
C ILE A 80 -8.25 -11.77 -13.46
N VAL A 81 -9.33 -11.04 -13.18
CA VAL A 81 -9.25 -9.98 -12.17
C VAL A 81 -8.95 -10.56 -10.80
N LEU A 82 -9.62 -11.68 -10.46
CA LEU A 82 -9.27 -12.39 -9.23
C LEU A 82 -7.83 -12.89 -9.28
N SER A 83 -7.35 -13.30 -10.45
CA SER A 83 -5.93 -13.65 -10.58
C SER A 83 -5.04 -12.43 -10.39
N ILE A 84 -5.33 -11.35 -11.10
CA ILE A 84 -4.45 -10.17 -11.06
C ILE A 84 -4.38 -9.59 -9.66
N ASP A 85 -5.54 -9.46 -9.00
CA ASP A 85 -5.59 -8.71 -7.74
C ASP A 85 -4.94 -9.51 -6.61
N TYR A 86 -5.31 -10.78 -6.45
CA TYR A 86 -4.59 -11.67 -5.55
C TYR A 86 -3.09 -11.73 -5.87
N TYR A 87 -2.75 -12.10 -7.11
CA TYR A 87 -1.36 -12.37 -7.48
C TYR A 87 -0.44 -11.19 -7.17
N ASN A 88 -0.86 -9.98 -7.53
CA ASN A 88 -0.01 -8.81 -7.32
C ASN A 88 -0.33 -8.08 -6.03
N MET A 89 -1.22 -8.63 -5.20
CA MET A 89 -1.17 -8.26 -3.80
C MET A 89 0.00 -8.96 -3.12
N PHE A 90 0.10 -10.27 -3.31
CA PHE A 90 1.21 -11.03 -2.74
C PHE A 90 2.54 -10.55 -3.28
N THR A 91 2.64 -10.29 -4.58
CA THR A 91 3.90 -9.84 -5.15
C THR A 91 4.31 -8.49 -4.59
N SER A 92 3.35 -7.60 -4.37
CA SER A 92 3.69 -6.29 -3.80
C SER A 92 4.04 -6.40 -2.32
N ILE A 93 3.25 -7.16 -1.54
CA ILE A 93 3.58 -7.37 -0.13
C ILE A 93 4.91 -8.08 0.03
N PHE A 94 5.15 -9.09 -0.79
CA PHE A 94 6.41 -9.82 -0.69
C PHE A 94 7.59 -8.96 -1.15
N THR A 95 7.43 -8.18 -2.23
CA THR A 95 8.52 -7.30 -2.67
C THR A 95 8.72 -6.17 -1.67
N LEU A 96 7.63 -5.65 -1.12
CA LEU A 96 7.71 -4.70 -0.01
C LEU A 96 8.38 -5.32 1.21
N THR A 97 8.15 -6.62 1.47
CA THR A 97 8.82 -7.28 2.58
C THR A 97 10.28 -7.57 2.25
N MET A 98 10.58 -7.82 0.97
CA MET A 98 11.94 -8.21 0.63
C MET A 98 12.89 -7.03 0.64
N MET A 99 12.37 -5.83 0.35
CA MET A 99 13.12 -4.63 0.67
C MET A 99 13.38 -4.54 2.16
N SER A 100 12.48 -5.10 2.97
CA SER A 100 12.62 -4.98 4.42
C SER A 100 13.82 -5.75 4.93
N VAL A 101 14.00 -6.98 4.47
CA VAL A 101 15.15 -7.76 4.91
C VAL A 101 16.43 -7.25 4.23
N ASP A 102 16.31 -6.64 3.05
CA ASP A 102 17.49 -6.15 2.34
C ASP A 102 18.18 -5.05 3.14
N ARG A 103 17.41 -4.07 3.62
CA ARG A 103 17.99 -3.01 4.43
C ARG A 103 18.46 -3.53 5.79
N TYR A 104 17.79 -4.55 6.33
CA TYR A 104 18.24 -5.15 7.58
C TYR A 104 19.57 -5.88 7.41
N ILE A 105 19.72 -6.63 6.31
CA ILE A 105 20.92 -7.44 6.10
C ILE A 105 22.16 -6.56 6.00
N ALA A 106 22.01 -5.38 5.39
CA ALA A 106 23.15 -4.48 5.25
C ALA A 106 23.70 -4.05 6.60
N VAL A 107 22.83 -3.62 7.52
CA VAL A 107 23.29 -3.10 8.79
C VAL A 107 23.86 -4.19 9.68
N CYS A 108 23.13 -5.30 9.82
CA CYS A 108 23.47 -6.29 10.84
C CYS A 108 24.46 -7.35 10.37
N HIS A 109 24.43 -7.75 9.10
CA HIS A 109 25.36 -8.73 8.54
C HIS A 109 26.15 -8.09 7.41
N PRO A 110 26.96 -7.07 7.70
CA PRO A 110 27.46 -6.19 6.62
C PRO A 110 28.23 -6.90 5.52
N VAL A 111 29.07 -7.89 5.84
CA VAL A 111 29.77 -8.59 4.77
C VAL A 111 28.85 -9.59 4.07
N LYS A 112 27.79 -10.03 4.73
CA LYS A 112 26.76 -10.80 4.04
C LYS A 112 25.96 -9.94 3.07
N ALA A 113 25.91 -8.63 3.30
CA ALA A 113 25.30 -7.72 2.34
C ALA A 113 26.08 -7.65 1.05
N LEU A 114 27.37 -8.01 1.07
CA LEU A 114 28.19 -7.92 -0.13
C LEU A 114 27.65 -8.80 -1.25
N ASP A 115 27.00 -9.91 -0.91
CA ASP A 115 26.37 -10.76 -1.92
C ASP A 115 24.88 -10.52 -2.05
N PHE A 116 24.20 -10.19 -0.95
CA PHE A 116 22.75 -9.97 -0.99
C PHE A 116 22.41 -8.77 -1.86
N ARG A 117 23.25 -7.73 -1.80
CA ARG A 117 23.02 -6.47 -2.51
C ARG A 117 23.42 -6.51 -3.98
N THR A 118 23.98 -7.62 -4.47
CA THR A 118 24.30 -7.70 -5.88
C THR A 118 23.01 -7.71 -6.70
N PRO A 119 23.05 -7.14 -7.91
CA PRO A 119 21.85 -7.17 -8.77
C PRO A 119 21.31 -8.57 -9.00
N LEU A 120 22.19 -9.53 -9.30
CA LEU A 120 21.76 -10.90 -9.54
C LEU A 120 21.03 -11.47 -8.32
N LYS A 121 21.59 -11.26 -7.13
CA LYS A 121 20.91 -11.69 -5.91
C LYS A 121 19.53 -11.06 -5.79
N ALA A 122 19.44 -9.74 -5.93
CA ALA A 122 18.13 -9.10 -5.95
C ALA A 122 17.25 -9.70 -7.04
N LYS A 123 17.76 -9.75 -8.28
CA LYS A 123 17.01 -10.31 -9.39
C LYS A 123 16.61 -11.76 -9.14
N ILE A 124 17.53 -12.57 -8.61
CA ILE A 124 17.21 -13.95 -8.25
C ILE A 124 16.11 -13.98 -7.21
N ILE A 125 16.30 -13.22 -6.13
CA ILE A 125 15.26 -13.08 -5.12
C ILE A 125 14.00 -12.48 -5.72
N ASN A 126 14.17 -11.65 -6.75
CA ASN A 126 13.06 -10.91 -7.30
C ASN A 126 12.32 -11.67 -8.40
N ILE A 127 12.86 -12.82 -8.82
CA ILE A 127 12.11 -13.73 -9.68
C ILE A 127 11.34 -14.76 -8.86
N CYS A 128 12.03 -15.35 -7.87
CA CYS A 128 11.41 -16.33 -6.99
C CYS A 128 10.13 -15.77 -6.38
N ILE A 129 10.14 -14.49 -6.05
CA ILE A 129 9.07 -13.87 -5.28
C ILE A 129 7.80 -13.81 -6.11
N TRP A 130 7.92 -13.68 -7.43
CA TRP A 130 6.77 -13.75 -8.32
C TRP A 130 6.30 -15.18 -8.50
N LEU A 131 7.24 -16.13 -8.58
CA LEU A 131 6.87 -17.53 -8.68
C LEU A 131 6.12 -17.99 -7.44
N LEU A 132 6.55 -17.52 -6.27
CA LEU A 132 5.81 -17.81 -5.04
C LEU A 132 4.39 -17.25 -5.12
N SER A 133 4.25 -15.98 -5.51
CA SER A 133 2.93 -15.39 -5.71
C SER A 133 2.17 -16.08 -6.83
N SER A 134 2.89 -16.65 -7.81
CA SER A 134 2.24 -17.29 -8.95
C SER A 134 1.31 -18.41 -8.52
N SER A 135 1.72 -19.16 -7.49
CA SER A 135 0.85 -20.19 -6.92
C SER A 135 -0.51 -19.61 -6.55
N VAL A 136 -0.52 -18.43 -5.94
CA VAL A 136 -1.78 -17.77 -5.63
C VAL A 136 -2.47 -17.32 -6.90
N GLY A 137 -1.70 -16.85 -7.88
CA GLY A 137 -2.30 -16.48 -9.16
C GLY A 137 -2.95 -17.66 -9.86
N ILE A 138 -2.31 -18.83 -9.80
CA ILE A 138 -2.86 -20.01 -10.44
C ILE A 138 -4.12 -20.49 -9.72
N SER A 139 -4.11 -20.44 -8.38
CA SER A 139 -5.30 -20.88 -7.63
C SER A 139 -6.50 -20.00 -7.94
N ALA A 140 -6.29 -18.68 -8.02
CA ALA A 140 -7.41 -17.74 -8.20
C ALA A 140 -8.05 -17.87 -9.57
N ILE A 141 -7.28 -18.32 -10.57
CA ILE A 141 -7.86 -18.54 -11.90
C ILE A 141 -8.90 -19.66 -11.85
N VAL A 142 -8.46 -20.88 -11.49
CA VAL A 142 -9.38 -22.01 -11.47
C VAL A 142 -10.47 -21.82 -10.42
N LEU A 143 -10.07 -21.47 -9.20
CA LEU A 143 -11.00 -21.34 -8.09
C LEU A 143 -11.88 -20.10 -8.22
N GLY A 144 -11.51 -19.17 -9.09
CA GLY A 144 -12.29 -17.95 -9.27
C GLY A 144 -13.43 -18.15 -10.25
N GLY A 145 -14.62 -17.70 -9.84
CA GLY A 145 -15.80 -17.80 -10.67
C GLY A 145 -16.87 -16.87 -10.15
N THR A 146 -18.06 -16.99 -10.72
CA THR A 146 -19.19 -16.13 -10.40
C THR A 146 -20.38 -16.96 -9.97
N LYS A 147 -20.96 -16.61 -8.83
CA LYS A 147 -22.15 -17.26 -8.30
C LYS A 147 -23.25 -16.24 -8.09
N VAL A 148 -24.48 -16.61 -8.43
CA VAL A 148 -25.64 -15.74 -8.17
C VAL A 148 -25.91 -15.69 -6.68
N ARG A 149 -26.01 -14.47 -6.13
CA ARG A 149 -26.19 -14.32 -4.68
C ARG A 149 -27.53 -14.87 -4.23
N GLU A 150 -28.61 -14.59 -4.96
CA GLU A 150 -29.93 -15.04 -4.57
C GLU A 150 -30.42 -16.15 -5.47
N ASP A 153 -30.74 -12.65 -7.66
CA ASP A 153 -31.03 -11.31 -8.16
C ASP A 153 -29.75 -10.56 -8.50
N VAL A 154 -28.68 -10.93 -7.80
CA VAL A 154 -27.39 -10.26 -7.90
C VAL A 154 -26.31 -11.29 -8.18
N ILE A 155 -25.60 -11.11 -9.28
CA ILE A 155 -24.42 -11.94 -9.56
C ILE A 155 -23.24 -11.42 -8.75
N GLU A 156 -22.45 -12.35 -8.22
CA GLU A 156 -21.28 -12.01 -7.40
C GLU A 156 -20.07 -12.73 -7.97
N CYS A 157 -18.91 -12.07 -7.89
CA CYS A 157 -17.65 -12.67 -8.31
C CYS A 157 -16.74 -12.76 -7.09
N SER A 158 -16.28 -13.98 -6.82
CA SER A 158 -15.37 -14.25 -5.72
C SER A 158 -14.71 -15.59 -6.00
N LEU A 159 -14.03 -16.14 -5.00
CA LEU A 159 -13.34 -17.41 -5.15
C LEU A 159 -14.35 -18.51 -4.87
N GLN A 160 -14.67 -19.31 -5.88
CA GLN A 160 -15.81 -20.22 -5.80
C GLN A 160 -15.44 -21.51 -5.07
N PHE A 161 -16.15 -21.81 -3.99
CA PHE A 161 -15.81 -22.92 -3.10
C PHE A 161 -17.02 -23.81 -2.84
N PRO A 162 -16.84 -25.12 -2.86
CA PRO A 162 -17.95 -26.04 -2.56
C PRO A 162 -18.45 -25.85 -1.14
N ASP A 163 -19.76 -25.65 -1.00
CA ASP A 163 -20.39 -25.37 0.28
C ASP A 163 -21.08 -26.59 0.88
N ASP A 164 -20.84 -27.78 0.33
CA ASP A 164 -21.46 -29.00 0.84
C ASP A 164 -20.60 -29.68 1.89
N ASP A 165 -21.24 -30.52 2.70
CA ASP A 165 -20.58 -31.36 3.72
C ASP A 165 -19.75 -30.53 4.68
N TYR A 166 -20.43 -29.61 5.37
CA TYR A 166 -19.82 -28.79 6.43
C TYR A 166 -18.51 -28.15 5.98
N SER A 167 -18.38 -27.87 4.69
CA SER A 167 -17.14 -27.35 4.14
C SER A 167 -17.00 -25.88 4.53
N TRP A 168 -15.95 -25.58 5.27
CA TRP A 168 -15.60 -24.21 5.62
C TRP A 168 -14.33 -23.77 4.91
N TRP A 169 -14.06 -24.36 3.74
CA TRP A 169 -12.80 -24.10 3.05
C TRP A 169 -12.64 -22.64 2.66
N ASP A 170 -13.73 -21.88 2.61
CA ASP A 170 -13.61 -20.45 2.40
C ASP A 170 -12.97 -19.77 3.60
N LEU A 171 -13.39 -20.16 4.81
CA LEU A 171 -12.79 -19.60 6.01
C LEU A 171 -11.34 -20.04 6.16
N PHE A 172 -11.04 -21.25 5.69
CA PHE A 172 -9.66 -21.72 5.72
C PHE A 172 -8.76 -20.87 4.81
N MET A 173 -9.15 -20.71 3.55
CA MET A 173 -8.32 -19.93 2.63
C MET A 173 -8.29 -18.47 3.01
N LYS A 174 -9.32 -17.97 3.70
CA LYS A 174 -9.23 -16.63 4.28
C LYS A 174 -8.36 -16.62 5.53
N ILE A 175 -8.33 -17.73 6.29
CA ILE A 175 -7.31 -17.87 7.32
C ILE A 175 -5.93 -18.02 6.67
N CYS A 176 -5.85 -18.87 5.63
CA CYS A 176 -4.58 -19.14 4.97
C CYS A 176 -3.98 -17.87 4.38
N VAL A 177 -4.81 -17.07 3.71
CA VAL A 177 -4.31 -15.84 3.09
C VAL A 177 -3.89 -14.83 4.15
N PHE A 178 -4.69 -14.70 5.22
CA PHE A 178 -4.43 -13.67 6.22
C PHE A 178 -3.06 -13.84 6.87
N ILE A 179 -2.64 -15.09 7.08
CA ILE A 179 -1.33 -15.29 7.71
C ILE A 179 -0.21 -15.26 6.67
N PHE A 180 -0.46 -15.74 5.45
CA PHE A 180 0.55 -15.64 4.40
C PHE A 180 0.74 -14.20 3.92
N ALA A 181 -0.35 -13.43 3.84
CA ALA A 181 -0.30 -12.09 3.26
C ALA A 181 -0.07 -10.99 4.30
N PHE A 182 -0.42 -11.21 5.55
CA PHE A 182 -0.29 -10.16 6.55
C PHE A 182 0.65 -10.50 7.70
N VAL A 183 0.42 -11.62 8.40
CA VAL A 183 1.05 -11.80 9.71
C VAL A 183 2.55 -12.04 9.55
N ILE A 184 2.93 -13.12 8.87
CA ILE A 184 4.35 -13.42 8.77
C ILE A 184 5.05 -12.37 7.92
N PRO A 185 4.39 -11.69 6.96
CA PRO A 185 5.07 -10.52 6.37
C PRO A 185 5.26 -9.39 7.35
N VAL A 186 4.25 -9.08 8.18
CA VAL A 186 4.41 -8.03 9.18
C VAL A 186 5.54 -8.38 10.13
N LEU A 187 5.54 -9.63 10.61
CA LEU A 187 6.55 -10.03 11.59
C LEU A 187 7.95 -10.01 11.00
N ILE A 188 8.11 -10.44 9.75
CA ILE A 188 9.41 -10.26 9.10
C ILE A 188 9.81 -8.79 9.14
N ILE A 189 9.00 -7.92 8.54
CA ILE A 189 9.38 -6.53 8.39
C ILE A 189 9.42 -5.83 9.75
N ILE A 190 8.52 -6.19 10.66
CA ILE A 190 8.61 -5.55 11.97
C ILE A 190 9.85 -6.03 12.72
N VAL A 191 10.34 -7.24 12.42
CA VAL A 191 11.56 -7.70 13.08
C VAL A 191 12.78 -7.07 12.44
N CYS A 192 12.92 -7.18 11.12
CA CYS A 192 14.15 -6.73 10.47
C CYS A 192 14.43 -5.25 10.73
N TYR A 193 13.39 -4.42 10.77
CA TYR A 193 13.64 -3.03 11.13
C TYR A 193 13.95 -2.90 12.62
N THR A 194 13.14 -3.51 13.48
CA THR A 194 13.36 -3.27 14.90
C THR A 194 14.69 -3.85 15.36
N LEU A 195 15.26 -4.76 14.60
CA LEU A 195 16.55 -5.36 14.93
C LEU A 195 17.69 -4.59 14.27
N MET A 196 17.45 -4.07 13.06
CA MET A 196 18.46 -3.26 12.37
C MET A 196 18.81 -2.01 13.17
N ILE A 197 17.80 -1.37 13.78
CA ILE A 197 18.05 -0.15 14.54
C ILE A 197 18.67 -0.42 15.90
N LEU A 198 18.61 -1.66 16.39
CA LEU A 198 19.29 -1.97 17.65
C LEU A 198 20.79 -2.02 17.46
N ARG A 199 21.24 -2.59 16.34
CA ARG A 199 22.65 -2.51 15.97
C ARG A 199 23.09 -1.06 15.82
N LEU A 200 22.20 -0.21 15.31
CA LEU A 200 22.51 1.20 15.12
C LEU A 200 22.77 1.88 16.47
N LYS A 201 21.84 1.73 17.41
CA LYS A 201 22.07 2.28 18.74
C LYS A 201 23.27 1.62 19.42
N SER A 202 23.53 0.35 19.11
CA SER A 202 24.65 -0.37 19.68
C SER A 202 26.01 0.15 19.23
N VAL A 203 26.04 0.97 18.18
CA VAL A 203 27.32 1.37 17.59
C VAL A 203 28.18 2.13 18.61
N ARG A 204 27.55 2.98 19.42
CA ARG A 204 28.26 3.83 20.38
C ARG A 204 29.42 4.61 19.72
N SER A 209 30.10 13.38 19.70
CA SER A 209 29.37 13.48 18.43
C SER A 209 27.90 13.10 18.60
N ARG A 210 27.05 13.63 17.71
CA ARG A 210 25.61 13.36 17.76
C ARG A 210 25.08 12.82 16.43
N GLU A 211 25.95 12.23 15.61
CA GLU A 211 25.48 11.61 14.38
C GLU A 211 24.57 10.41 14.65
N LYS A 212 24.81 9.69 15.75
CA LYS A 212 23.91 8.60 16.11
C LYS A 212 22.55 9.13 16.53
N ASP A 213 22.52 10.09 17.45
CA ASP A 213 21.25 10.55 18.01
C ASP A 213 20.36 11.19 16.94
N ARG A 214 20.96 12.00 16.06
CA ARG A 214 20.19 12.61 14.98
C ARG A 214 19.71 11.55 13.99
N ASN A 215 20.62 10.68 13.54
CA ASN A 215 20.26 9.67 12.54
C ASN A 215 19.32 8.61 13.14
N LEU A 216 19.50 8.27 14.42
CA LEU A 216 18.58 7.33 15.04
C LEU A 216 17.15 7.88 15.01
N ARG A 217 16.97 9.12 15.46
CA ARG A 217 15.65 9.74 15.40
C ARG A 217 15.14 9.83 13.97
N ARG A 218 16.05 9.99 13.00
CA ARG A 218 15.64 10.12 11.60
C ARG A 218 15.21 8.78 11.03
N ILE A 219 15.93 7.70 11.33
CA ILE A 219 15.56 6.39 10.79
C ILE A 219 14.41 5.78 11.56
N THR A 220 14.36 6.00 12.87
CA THR A 220 13.15 5.65 13.63
C THR A 220 11.94 6.33 13.02
N ARG A 221 12.06 7.62 12.74
CA ARG A 221 11.03 8.36 12.02
C ARG A 221 10.62 7.61 10.75
N LEU A 222 11.59 7.36 9.87
CA LEU A 222 11.30 6.73 8.58
C LEU A 222 10.72 5.33 8.77
N VAL A 223 11.24 4.58 9.74
CA VAL A 223 10.79 3.22 9.94
C VAL A 223 9.32 3.20 10.33
N LEU A 224 8.94 4.03 11.30
CA LEU A 224 7.57 4.00 11.82
C LEU A 224 6.54 4.28 10.73
N VAL A 225 6.91 5.05 9.71
CA VAL A 225 5.92 5.41 8.70
C VAL A 225 5.49 4.18 7.92
N VAL A 226 6.44 3.37 7.45
CA VAL A 226 6.08 2.24 6.60
C VAL A 226 5.19 1.25 7.35
N VAL A 227 5.56 0.94 8.60
CA VAL A 227 4.71 0.04 9.38
C VAL A 227 3.41 0.73 9.73
N ALA A 228 3.43 2.04 9.96
CA ALA A 228 2.18 2.76 10.16
C ALA A 228 1.33 2.70 8.90
N VAL A 229 1.96 2.87 7.73
CA VAL A 229 1.25 2.72 6.47
C VAL A 229 0.69 1.32 6.35
N PHE A 230 1.56 0.32 6.44
CA PHE A 230 1.15 -1.06 6.18
C PHE A 230 0.09 -1.52 7.18
N VAL A 231 0.26 -1.16 8.46
CA VAL A 231 -0.74 -1.55 9.46
C VAL A 231 -2.09 -0.94 9.11
N VAL A 232 -2.16 0.38 9.07
CA VAL A 232 -3.46 1.03 8.89
C VAL A 232 -4.03 0.76 7.50
N CYS A 233 -3.18 0.41 6.53
CA CYS A 233 -3.70 0.12 5.20
C CYS A 233 -4.40 -1.23 5.16
N TRP A 234 -3.82 -2.26 5.78
CA TRP A 234 -4.38 -3.61 5.67
C TRP A 234 -4.99 -4.17 6.95
N THR A 235 -4.67 -3.63 8.12
CA THR A 235 -5.26 -4.21 9.33
C THR A 235 -6.78 -4.10 9.35
N PRO A 236 -7.41 -2.96 9.04
CA PRO A 236 -8.88 -2.91 9.12
C PRO A 236 -9.60 -3.80 8.13
N ILE A 237 -9.07 -4.00 6.91
CA ILE A 237 -9.76 -4.87 5.95
C ILE A 237 -9.63 -6.34 6.38
N HIS A 238 -8.41 -6.77 6.72
CA HIS A 238 -8.19 -8.16 7.07
C HIS A 238 -9.03 -8.55 8.27
N ILE A 239 -9.14 -7.66 9.27
CA ILE A 239 -10.05 -7.90 10.37
C ILE A 239 -11.49 -7.99 9.86
N PHE A 240 -11.87 -7.10 8.95
CA PHE A 240 -13.24 -7.04 8.50
C PHE A 240 -13.64 -8.28 7.71
N ILE A 241 -12.83 -8.65 6.72
CA ILE A 241 -13.28 -9.72 5.82
C ILE A 241 -13.21 -11.10 6.45
N LEU A 242 -12.44 -11.27 7.54
CA LEU A 242 -12.53 -12.50 8.30
C LEU A 242 -13.87 -12.61 9.04
N VAL A 243 -14.29 -11.52 9.70
CA VAL A 243 -15.54 -11.54 10.44
C VAL A 243 -16.72 -11.77 9.52
N GLU A 244 -16.65 -11.25 8.28
CA GLU A 244 -17.69 -11.52 7.29
C GLU A 244 -17.74 -12.99 6.87
N ALA A 245 -16.70 -13.77 7.18
CA ALA A 245 -16.67 -15.19 6.88
C ALA A 245 -17.22 -16.06 8.00
N LEU A 246 -17.12 -15.59 9.25
CA LEU A 246 -17.76 -16.32 10.34
C LEU A 246 -19.21 -15.91 10.51
N GLY A 247 -19.51 -14.62 10.38
CA GLY A 247 -20.87 -14.18 10.55
C GLY A 247 -21.08 -12.84 9.88
N SER A 248 -22.24 -12.27 10.17
CA SER A 248 -22.63 -10.94 9.69
C SER A 248 -22.42 -10.80 8.18
N SER A 252 -25.83 -5.77 5.33
CA SER A 252 -26.64 -4.57 5.28
C SER A 252 -26.05 -3.52 4.34
N THR A 253 -26.65 -2.32 4.33
CA THR A 253 -26.26 -1.31 3.35
C THR A 253 -25.07 -0.49 3.83
N ALA A 254 -25.11 0.00 5.07
CA ALA A 254 -24.00 0.80 5.58
C ALA A 254 -22.78 -0.06 5.89
N ALA A 255 -22.98 -1.34 6.24
CA ALA A 255 -21.84 -2.21 6.48
C ALA A 255 -21.09 -2.52 5.20
N LEU A 256 -21.83 -2.74 4.10
CA LEU A 256 -21.18 -2.99 2.81
C LEU A 256 -20.40 -1.77 2.33
N SER A 257 -20.70 -0.58 2.86
CA SER A 257 -19.93 0.61 2.52
C SER A 257 -18.66 0.70 3.36
N SER A 258 -18.76 0.48 4.69
CA SER A 258 -17.59 0.44 5.54
C SER A 258 -16.59 -0.59 5.04
N TYR A 259 -17.09 -1.73 4.55
CA TYR A 259 -16.23 -2.77 4.01
C TYR A 259 -15.50 -2.28 2.77
N TYR A 260 -16.20 -1.56 1.89
CA TYR A 260 -15.55 -1.09 0.67
C TYR A 260 -14.62 0.09 0.95
N PHE A 261 -14.88 0.83 2.04
CA PHE A 261 -13.90 1.80 2.51
C PHE A 261 -12.60 1.10 2.91
N CYS A 262 -12.72 -0.03 3.61
CA CYS A 262 -11.55 -0.76 4.07
C CYS A 262 -10.81 -1.42 2.90
N ILE A 263 -11.53 -1.82 1.86
CA ILE A 263 -10.88 -2.36 0.66
C ILE A 263 -9.97 -1.30 0.06
N ALA A 264 -10.47 -0.06 -0.04
CA ALA A 264 -9.67 1.03 -0.58
C ALA A 264 -8.42 1.26 0.25
N LEU A 265 -8.53 1.15 1.58
CA LEU A 265 -7.36 1.34 2.43
C LEU A 265 -6.26 0.34 2.06
N GLY A 266 -6.62 -0.91 1.80
CA GLY A 266 -5.65 -1.86 1.28
C GLY A 266 -5.10 -1.41 -0.07
N TYR A 267 -5.97 -0.87 -0.92
CA TYR A 267 -5.53 -0.34 -2.21
C TYR A 267 -4.58 0.84 -2.05
N THR A 268 -4.75 1.60 -0.96
CA THR A 268 -3.92 2.77 -0.72
C THR A 268 -2.45 2.40 -0.57
N ASN A 269 -2.17 1.31 0.13
CA ASN A 269 -0.78 0.91 0.35
C ASN A 269 -0.05 0.80 -0.98
N SER A 270 -0.73 0.30 -2.01
CA SER A 270 -0.10 0.19 -3.32
C SER A 270 0.03 1.54 -4.03
N CYS A 271 -0.80 2.53 -3.67
CA CYS A 271 -0.64 3.86 -4.24
C CYS A 271 0.33 4.71 -3.46
N LEU A 272 0.38 4.51 -2.14
CA LEU A 272 1.29 5.28 -1.29
C LEU A 272 2.72 4.76 -1.39
N ASN A 273 2.90 3.52 -1.82
CA ASN A 273 4.24 2.93 -1.83
C ASN A 273 5.23 3.70 -2.68
N PRO A 274 4.93 4.09 -3.93
CA PRO A 274 5.94 4.84 -4.69
C PRO A 274 6.40 6.10 -4.00
N ILE A 275 5.49 6.78 -3.30
CA ILE A 275 5.87 7.99 -2.58
C ILE A 275 6.88 7.65 -1.50
N LEU A 276 6.64 6.55 -0.78
CA LEU A 276 7.51 6.15 0.31
C LEU A 276 8.82 5.55 -0.19
N TYR A 277 8.73 4.62 -1.14
CA TYR A 277 9.90 3.85 -1.54
C TYR A 277 10.61 4.39 -2.76
N ALA A 278 10.08 5.42 -3.41
CA ALA A 278 10.82 6.11 -4.46
C ALA A 278 11.03 7.59 -4.13
N PHE A 279 9.96 8.33 -3.86
CA PHE A 279 10.10 9.78 -3.66
C PHE A 279 10.88 10.11 -2.39
N LEU A 280 10.97 9.16 -1.45
CA LEU A 280 11.82 9.35 -0.28
C LEU A 280 13.20 8.73 -0.44
N ASP A 281 13.50 8.12 -1.59
CA ASP A 281 14.84 7.61 -1.86
C ASP A 281 15.58 8.63 -2.74
N GLU A 282 16.66 9.17 -2.22
CA GLU A 282 17.39 10.23 -2.93
C GLU A 282 18.07 9.68 -4.18
N ASN A 283 18.55 8.43 -4.15
CA ASN A 283 19.14 7.84 -5.34
C ASN A 283 18.16 7.74 -6.49
N PHE A 284 16.85 7.78 -6.19
CA PHE A 284 15.80 7.94 -7.19
C PHE A 284 15.32 9.38 -7.28
N LYS A 285 15.00 9.99 -6.13
CA LYS A 285 14.43 11.34 -6.13
C LYS A 285 15.33 12.34 -6.84
N ARG A 286 16.65 12.15 -6.75
CA ARG A 286 17.56 13.00 -7.49
C ARG A 286 17.37 12.83 -9.00
N CYS A 287 17.19 11.59 -9.45
CA CYS A 287 17.05 11.34 -10.88
C CYS A 287 15.72 11.85 -11.42
N PHE A 288 14.62 11.40 -10.81
CA PHE A 288 13.29 11.79 -11.28
C PHE A 288 13.16 13.31 -11.39
N ARG A 289 13.75 14.04 -10.44
CA ARG A 289 13.66 15.50 -10.42
C ARG A 289 14.08 16.09 -11.77
N ASP A 290 15.23 15.65 -12.29
CA ASP A 290 15.72 16.20 -13.55
C ASP A 290 14.73 16.00 -14.69
N PHE A 291 14.26 14.75 -14.88
CA PHE A 291 13.34 14.44 -15.97
C PHE A 291 12.11 15.36 -15.94
N CYS A 292 11.67 15.72 -14.74
CA CYS A 292 10.46 16.50 -14.56
C CYS A 292 10.71 17.90 -13.99
N PHE A 293 11.96 18.27 -13.74
CA PHE A 293 12.33 19.64 -13.39
C PHE A 293 13.54 20.02 -14.24
N PRO A 294 13.37 20.15 -15.56
CA PRO A 294 14.52 20.36 -16.44
C PRO A 294 14.99 21.81 -16.47
N VAL B 4 42.22 10.29 11.93
CA VAL B 4 43.66 10.50 11.93
C VAL B 4 44.31 9.68 10.82
N GLN B 5 44.51 8.39 11.09
CA GLN B 5 45.14 7.48 10.14
C GLN B 5 44.16 6.39 9.75
N LEU B 6 43.99 6.17 8.45
CA LEU B 6 43.09 5.17 7.92
C LEU B 6 43.89 4.06 7.27
N VAL B 7 43.67 2.83 7.72
CA VAL B 7 44.45 1.67 7.29
C VAL B 7 43.66 0.96 6.19
N GLU B 8 43.98 1.27 4.94
CA GLU B 8 43.31 0.63 3.81
C GLU B 8 43.83 -0.80 3.67
N SER B 9 42.96 -1.77 3.94
CA SER B 9 43.32 -3.18 3.84
C SER B 9 43.03 -3.68 2.42
N GLY B 10 43.08 -5.00 2.23
CA GLY B 10 42.81 -5.56 0.91
C GLY B 10 43.90 -5.20 -0.08
N GLY B 11 43.47 -4.86 -1.30
CA GLY B 11 44.40 -4.53 -2.35
C GLY B 11 45.10 -5.77 -2.91
N GLY B 12 46.24 -5.52 -3.54
CA GLY B 12 47.05 -6.59 -4.09
C GLY B 12 46.63 -6.98 -5.50
N LEU B 13 47.53 -7.70 -6.16
CA LEU B 13 47.30 -8.13 -7.53
C LEU B 13 46.32 -9.28 -7.59
N VAL B 14 45.79 -9.52 -8.78
CA VAL B 14 44.80 -10.58 -9.00
C VAL B 14 44.78 -10.89 -10.49
N ARG B 15 44.22 -12.04 -10.85
CA ARG B 15 44.06 -12.43 -12.24
C ARG B 15 42.81 -11.79 -12.83
N PRO B 16 42.76 -11.64 -14.16
CA PRO B 16 41.57 -11.07 -14.79
C PRO B 16 40.34 -11.94 -14.58
N GLY B 17 39.18 -11.29 -14.45
CA GLY B 17 37.95 -11.97 -14.16
C GLY B 17 37.78 -12.39 -12.71
N GLY B 18 38.73 -12.05 -11.84
CA GLY B 18 38.72 -12.46 -10.46
C GLY B 18 38.03 -11.45 -9.55
N SER B 19 38.42 -11.48 -8.28
CA SER B 19 37.75 -10.69 -7.26
C SER B 19 38.74 -10.33 -6.16
N LEU B 20 38.40 -9.30 -5.38
CA LEU B 20 39.12 -8.97 -4.16
C LEU B 20 38.33 -7.92 -3.40
N ARG B 21 38.21 -8.12 -2.08
CA ARG B 21 37.46 -7.22 -1.21
C ARG B 21 38.42 -6.26 -0.50
N LEU B 22 38.20 -4.96 -0.67
CA LEU B 22 38.99 -3.94 -0.02
C LEU B 22 38.24 -3.40 1.18
N SER B 23 38.96 -3.14 2.27
CA SER B 23 38.33 -2.78 3.55
C SER B 23 39.15 -1.70 4.25
N CYS B 24 38.78 -0.44 4.03
CA CYS B 24 39.33 0.66 4.79
C CYS B 24 38.59 0.78 6.12
N VAL B 25 39.33 1.09 7.18
CA VAL B 25 38.81 1.09 8.53
C VAL B 25 39.48 2.22 9.30
N ASP B 26 38.77 2.77 10.29
CA ASP B 26 39.36 3.70 11.24
C ASP B 26 38.95 3.19 12.63
N SER B 27 39.75 2.26 13.17
CA SER B 27 39.47 1.73 14.49
C SER B 27 39.64 2.78 15.58
N GLU B 28 40.35 3.87 15.28
CA GLU B 28 40.42 4.99 16.21
C GLU B 28 39.10 5.75 16.29
N ARG B 29 38.09 5.36 15.51
CA ARG B 29 36.76 5.95 15.54
C ARG B 29 36.79 7.47 15.45
N THR B 30 37.86 8.04 14.89
CA THR B 30 37.91 9.48 14.65
C THR B 30 37.08 9.87 13.44
N SER B 31 37.17 9.09 12.36
CA SER B 31 36.44 9.36 11.13
C SER B 31 35.71 8.10 10.69
N TYR B 32 34.56 8.30 10.04
CA TYR B 32 33.78 7.19 9.52
C TYR B 32 34.03 7.09 8.03
N PRO B 33 34.74 6.06 7.54
CA PRO B 33 34.88 5.92 6.09
C PRO B 33 33.55 5.60 5.43
N MET B 34 33.01 6.55 4.66
CA MET B 34 31.67 6.42 4.06
C MET B 34 31.71 6.33 2.54
N GLY B 35 32.86 6.56 1.93
CA GLY B 35 32.95 6.52 0.48
C GLY B 35 34.32 6.05 0.02
N TRP B 36 34.35 5.55 -1.21
CA TRP B 36 35.58 5.12 -1.84
C TRP B 36 35.85 5.93 -3.10
N PHE B 37 37.13 6.19 -3.34
CA PHE B 37 37.60 6.98 -4.48
C PHE B 37 38.72 6.23 -5.18
N ARG B 38 38.71 6.27 -6.51
CA ARG B 38 39.73 5.59 -7.30
C ARG B 38 40.71 6.57 -7.93
N LYS B 43 44.91 9.17 -15.19
CA LYS B 43 43.93 10.23 -15.36
C LYS B 43 43.55 10.85 -14.02
N GLU B 44 42.52 11.69 -14.03
CA GLU B 44 42.10 12.40 -12.83
C GLU B 44 41.57 11.43 -11.77
N ARG B 45 41.24 11.99 -10.60
CA ARG B 45 40.72 11.19 -9.51
C ARG B 45 39.39 10.56 -9.94
N GLU B 46 39.26 9.25 -9.71
CA GLU B 46 38.04 8.53 -10.01
C GLU B 46 37.22 8.35 -8.73
N PHE B 47 35.90 8.33 -8.88
CA PHE B 47 34.98 8.30 -7.75
C PHE B 47 34.11 7.06 -7.87
N VAL B 48 34.50 5.99 -7.17
CA VAL B 48 33.69 4.79 -7.08
C VAL B 48 32.61 5.01 -6.03
N ALA B 49 31.67 4.08 -5.93
CA ALA B 49 30.48 4.16 -5.08
C ALA B 49 30.77 4.58 -3.65
N SER B 50 29.76 5.14 -2.97
CA SER B 50 29.80 5.44 -1.55
C SER B 50 28.53 4.89 -0.89
N ILE B 51 28.47 4.99 0.44
CA ILE B 51 27.34 4.47 1.20
C ILE B 51 27.00 5.45 2.32
N THR B 52 25.78 5.31 2.85
CA THR B 52 25.33 6.17 3.95
C THR B 52 26.03 5.75 5.23
N TRP B 53 25.92 6.57 6.27
CA TRP B 53 26.62 6.29 7.52
C TRP B 53 26.19 4.96 8.10
N SER B 54 24.89 4.80 8.30
CA SER B 54 24.31 3.61 8.90
C SER B 54 24.24 2.44 7.93
N GLY B 55 24.70 2.62 6.69
CA GLY B 55 24.95 1.50 5.80
C GLY B 55 23.75 0.87 5.13
N ILE B 56 22.61 1.58 5.06
CA ILE B 56 21.44 1.01 4.38
C ILE B 56 21.56 1.17 2.87
N ASP B 57 21.59 2.41 2.38
CA ASP B 57 21.51 2.67 0.96
C ASP B 57 22.86 3.07 0.37
N PRO B 58 23.40 2.31 -0.58
CA PRO B 58 24.62 2.70 -1.28
C PRO B 58 24.33 3.42 -2.60
N THR B 59 25.20 4.38 -2.92
CA THR B 59 25.12 5.12 -4.18
C THR B 59 26.15 4.52 -5.12
N TYR B 60 25.69 3.60 -5.98
CA TYR B 60 26.58 2.81 -6.80
C TYR B 60 27.40 3.69 -7.77
N ALA B 61 28.41 3.07 -8.36
CA ALA B 61 29.26 3.73 -9.36
C ALA B 61 28.80 3.30 -10.73
N ASP B 62 28.47 4.28 -11.57
CA ASP B 62 27.83 3.98 -12.85
C ASP B 62 28.78 3.27 -13.81
N SER B 63 30.08 3.55 -13.73
CA SER B 63 31.04 3.04 -14.70
C SER B 63 30.91 1.53 -14.88
N VAL B 64 31.16 0.78 -13.82
CA VAL B 64 30.86 -0.66 -13.79
C VAL B 64 30.06 -0.90 -12.52
N ALA B 65 28.74 -0.78 -12.61
CA ALA B 65 27.84 -1.16 -11.52
C ALA B 65 27.41 -2.61 -11.63
N ASP B 66 27.81 -3.29 -12.70
CA ASP B 66 27.57 -4.71 -12.91
C ASP B 66 28.68 -5.57 -12.32
N ARG B 67 29.60 -4.99 -11.56
CA ARG B 67 30.77 -5.72 -11.10
C ARG B 67 31.14 -5.51 -9.63
N PHE B 68 30.68 -4.46 -8.97
CA PHE B 68 31.13 -4.16 -7.62
C PHE B 68 29.95 -3.99 -6.69
N THR B 69 30.18 -4.32 -5.42
CA THR B 69 29.23 -4.13 -4.34
C THR B 69 29.96 -3.63 -3.10
N THR B 70 29.28 -2.82 -2.31
CA THR B 70 29.87 -2.22 -1.11
C THR B 70 28.93 -2.38 0.07
N SER B 71 29.52 -2.39 1.27
CA SER B 71 28.77 -2.51 2.50
C SER B 71 29.60 -1.89 3.62
N ARG B 72 28.92 -1.36 4.63
CA ARG B 72 29.60 -0.72 5.74
C ARG B 72 29.13 -1.34 7.05
N ASP B 73 30.08 -1.84 7.83
CA ASP B 73 29.79 -2.34 9.18
C ASP B 73 29.76 -1.10 10.07
N VAL B 74 28.55 -0.68 10.44
CA VAL B 74 28.41 0.52 11.26
C VAL B 74 29.04 0.29 12.64
N ALA B 75 28.77 -0.88 13.25
CA ALA B 75 29.23 -1.15 14.61
C ALA B 75 30.75 -1.19 14.70
N ASN B 76 31.43 -1.71 13.67
CA ASN B 76 32.89 -1.80 13.67
C ASN B 76 33.55 -0.63 12.97
N ASN B 77 32.78 0.34 12.46
CA ASN B 77 33.31 1.54 11.83
C ASN B 77 34.24 1.17 10.67
N THR B 78 33.73 0.30 9.80
CA THR B 78 34.50 -0.26 8.69
C THR B 78 33.67 -0.16 7.41
N LEU B 79 34.34 0.19 6.31
CA LEU B 79 33.73 0.21 4.99
C LEU B 79 34.42 -0.81 4.10
N TYR B 80 33.62 -1.58 3.37
CA TYR B 80 34.13 -2.61 2.47
C TYR B 80 33.75 -2.28 1.03
N LEU B 81 34.37 -3.01 0.12
CA LEU B 81 34.01 -3.01 -1.29
C LEU B 81 34.74 -4.17 -1.93
N GLN B 82 34.00 -5.06 -2.60
CA GLN B 82 34.62 -6.21 -3.26
C GLN B 82 34.24 -6.14 -4.75
N MET B 83 35.25 -5.84 -5.57
CA MET B 83 35.10 -5.87 -7.01
C MET B 83 35.10 -7.30 -7.53
N ASN B 84 34.28 -7.56 -8.55
CA ASN B 84 34.12 -8.90 -9.11
C ASN B 84 34.18 -8.82 -10.63
N SER B 85 34.93 -9.74 -11.25
CA SER B 85 35.02 -9.84 -12.71
C SER B 85 35.39 -8.49 -13.34
N LEU B 86 36.36 -7.81 -12.74
CA LEU B 86 36.81 -6.53 -13.25
C LEU B 86 37.76 -6.74 -14.44
N LYS B 87 38.07 -5.64 -15.12
CA LYS B 87 38.96 -5.68 -16.28
C LYS B 87 40.10 -4.69 -16.10
N HIS B 88 40.87 -4.47 -17.17
CA HIS B 88 41.96 -3.50 -17.11
C HIS B 88 41.44 -2.09 -16.83
N GLU B 89 40.18 -1.81 -17.21
CA GLU B 89 39.61 -0.49 -16.96
C GLU B 89 39.59 -0.17 -15.47
N ASP B 90 39.35 -1.17 -14.63
CA ASP B 90 39.26 -0.95 -13.19
C ASP B 90 40.62 -0.78 -12.53
N THR B 91 41.71 -1.11 -13.21
CA THR B 91 43.04 -1.03 -12.62
C THR B 91 43.40 0.43 -12.33
N ALA B 92 43.61 0.75 -11.06
CA ALA B 92 43.99 2.10 -10.63
C ALA B 92 44.32 2.05 -9.14
N VAL B 93 44.71 3.20 -8.60
CA VAL B 93 44.92 3.34 -7.16
C VAL B 93 43.57 3.56 -6.49
N TYR B 94 43.39 3.00 -5.30
CA TYR B 94 42.12 3.02 -4.60
C TYR B 94 42.35 3.50 -3.18
N TYR B 95 41.55 4.48 -2.74
CA TYR B 95 41.67 5.02 -1.40
C TYR B 95 40.30 5.30 -0.83
N CYS B 96 40.07 4.87 0.41
CA CYS B 96 38.83 5.20 1.08
C CYS B 96 38.80 6.67 1.45
N ALA B 97 37.60 7.25 1.46
CA ALA B 97 37.40 8.63 1.87
C ALA B 97 36.53 8.66 3.12
N ALA B 98 37.01 9.33 4.15
CA ALA B 98 36.31 9.41 5.43
C ALA B 98 35.36 10.60 5.42
N ARG B 99 34.81 10.94 6.59
CA ARG B 99 33.90 12.07 6.70
C ARG B 99 34.10 12.79 8.02
N ALA B 100 33.66 14.04 8.06
CA ALA B 100 33.79 14.86 9.25
C ALA B 100 32.96 14.26 10.39
N PRO B 101 33.46 14.30 11.62
CA PRO B 101 32.72 13.67 12.74
C PRO B 101 31.40 14.33 13.04
N VAL B 102 31.29 15.65 12.88
CA VAL B 102 30.04 16.36 13.14
C VAL B 102 30.10 17.81 12.63
N ASP B 110 32.21 16.98 0.66
CA ASP B 110 33.42 17.56 1.25
C ASP B 110 34.08 16.59 2.24
N TYR B 111 34.48 15.43 1.75
CA TYR B 111 35.18 14.45 2.59
C TYR B 111 36.45 15.06 3.15
N ASP B 112 36.62 14.96 4.47
CA ASP B 112 37.65 15.72 5.16
C ASP B 112 38.96 14.95 5.31
N TYR B 113 38.91 13.64 5.47
CA TYR B 113 40.10 12.82 5.66
C TYR B 113 40.17 11.79 4.55
N TRP B 114 41.35 11.66 3.95
CA TRP B 114 41.56 10.80 2.79
C TRP B 114 42.67 9.80 3.10
N GLY B 115 42.40 8.52 2.87
CA GLY B 115 43.37 7.50 3.19
C GLY B 115 44.52 7.44 2.21
N GLN B 116 45.61 6.81 2.65
CA GLN B 116 46.80 6.70 1.81
C GLN B 116 46.47 5.97 0.51
N GLY B 117 45.80 4.84 0.61
CA GLY B 117 45.32 4.19 -0.59
C GLY B 117 46.18 3.01 -1.01
N THR B 118 45.56 2.07 -1.73
CA THR B 118 46.22 0.89 -2.26
C THR B 118 45.85 0.75 -3.73
N GLN B 119 46.75 0.17 -4.52
CA GLN B 119 46.55 0.00 -5.96
C GLN B 119 46.32 -1.47 -6.25
N VAL B 120 45.11 -1.79 -6.71
CA VAL B 120 44.81 -3.11 -7.26
C VAL B 120 45.41 -3.19 -8.67
N THR B 121 46.19 -4.23 -8.92
CA THR B 121 46.91 -4.37 -10.18
C THR B 121 46.56 -5.72 -10.81
N VAL B 122 45.74 -5.67 -11.85
CA VAL B 122 45.29 -6.86 -12.56
C VAL B 122 45.85 -6.86 -13.97
N SER B 123 46.29 -8.03 -14.44
CA SER B 123 46.77 -8.20 -15.81
C SER B 123 46.99 -9.69 -16.08
N ASP C 3 -46.58 8.47 -9.61
CA ASP C 3 -47.12 9.70 -9.02
C ASP C 3 -46.00 10.55 -8.43
N LEU C 4 -44.85 9.92 -8.21
CA LEU C 4 -43.65 10.58 -7.69
C LEU C 4 -43.93 11.48 -6.49
N GLU C 5 -43.31 12.66 -6.46
CA GLU C 5 -43.49 13.60 -5.36
C GLU C 5 -44.83 14.32 -5.42
N ASP C 6 -45.57 14.20 -6.53
CA ASP C 6 -46.87 14.87 -6.63
C ASP C 6 -47.85 14.34 -5.59
N ASN C 7 -47.90 13.02 -5.43
CA ASN C 7 -48.74 12.44 -4.39
C ASN C 7 -48.28 12.88 -3.01
N TRP C 8 -46.96 13.02 -2.82
CA TRP C 8 -46.45 13.61 -1.59
C TRP C 8 -46.99 15.01 -1.39
N GLU C 9 -46.97 15.82 -2.45
CA GLU C 9 -47.49 17.18 -2.37
C GLU C 9 -48.95 17.20 -1.97
N THR C 10 -49.69 16.11 -2.20
CA THR C 10 -51.06 16.04 -1.71
C THR C 10 -51.10 16.10 -0.19
N LEU C 11 -50.19 15.39 0.48
CA LEU C 11 -50.13 15.45 1.94
C LEU C 11 -49.78 16.86 2.40
N ASN C 12 -48.59 17.35 2.04
CA ASN C 12 -48.08 18.59 2.64
C ASN C 12 -48.92 19.80 2.23
N ASP C 13 -49.49 19.79 1.03
CA ASP C 13 -50.44 20.86 0.69
C ASP C 13 -51.69 20.77 1.54
N ASN C 14 -52.30 19.58 1.61
CA ASN C 14 -53.47 19.40 2.46
C ASN C 14 -53.17 19.61 3.93
N LEU C 15 -51.89 19.48 4.33
CA LEU C 15 -51.51 19.84 5.69
C LEU C 15 -51.66 21.34 5.92
N LYS C 16 -51.20 22.15 4.96
CA LYS C 16 -51.37 23.59 5.08
C LYS C 16 -52.84 23.98 5.09
N VAL C 17 -53.66 23.32 4.25
CA VAL C 17 -55.10 23.55 4.29
C VAL C 17 -55.66 23.14 5.64
N ILE C 18 -55.23 21.98 6.15
CA ILE C 18 -55.64 21.57 7.49
C ILE C 18 -55.08 22.53 8.54
N GLU C 19 -53.94 23.17 8.26
CA GLU C 19 -53.43 24.19 9.17
C GLU C 19 -54.35 25.40 9.26
N LYS C 20 -55.26 25.55 8.30
CA LYS C 20 -56.26 26.59 8.33
C LYS C 20 -57.65 26.01 8.57
N GLN C 26 -65.64 21.46 8.82
CA GLN C 26 -65.34 20.08 8.46
C GLN C 26 -64.06 20.00 7.63
N VAL C 27 -62.95 19.71 8.30
CA VAL C 27 -61.65 19.56 7.65
C VAL C 27 -61.54 18.15 7.09
N LYS C 28 -62.66 17.41 7.11
CA LYS C 28 -62.65 16.02 6.65
C LYS C 28 -62.26 15.91 5.18
N ASP C 29 -62.61 16.92 4.36
CA ASP C 29 -62.33 16.84 2.93
C ASP C 29 -60.82 16.73 2.68
N ALA C 30 -60.03 17.54 3.38
CA ALA C 30 -58.58 17.46 3.22
C ALA C 30 -58.04 16.13 3.72
N LEU C 31 -58.50 15.69 4.89
CA LEU C 31 -58.01 14.43 5.46
C LEU C 31 -58.39 13.23 4.61
N THR C 32 -59.63 13.21 4.10
CA THR C 32 -60.03 12.13 3.20
C THR C 32 -59.21 12.14 1.92
N LYS C 33 -58.97 13.33 1.36
CA LYS C 33 -58.04 13.45 0.24
C LYS C 33 -56.61 13.17 0.66
N MET C 34 -56.29 13.31 1.95
CA MET C 34 -54.94 13.04 2.42
C MET C 34 -54.75 11.55 2.73
N ARG C 35 -55.70 10.96 3.46
CA ARG C 35 -55.60 9.55 3.81
C ARG C 35 -55.72 8.65 2.58
N ALA C 36 -56.52 9.06 1.59
CA ALA C 36 -56.58 8.30 0.34
C ALA C 36 -55.29 8.45 -0.48
N ALA C 37 -54.66 9.62 -0.41
CA ALA C 37 -53.38 9.81 -1.10
C ALA C 37 -52.29 8.97 -0.49
N ALA C 38 -52.37 8.69 0.82
CA ALA C 38 -51.35 7.90 1.49
C ALA C 38 -51.32 6.48 0.95
N LEU C 39 -52.49 5.92 0.60
CA LEU C 39 -52.57 4.54 0.13
C LEU C 39 -51.87 4.32 -1.20
N ASP C 40 -51.49 5.38 -1.90
CA ASP C 40 -50.74 5.31 -3.14
C ASP C 40 -49.23 5.25 -2.93
N ALA C 41 -48.77 5.25 -1.68
CA ALA C 41 -47.34 5.13 -1.38
C ALA C 41 -46.88 3.67 -1.47
N MET C 59 -36.13 -1.65 3.57
CA MET C 59 -37.37 -1.19 2.97
C MET C 59 -38.52 -1.33 3.95
N LYS C 60 -38.22 -1.83 5.14
CA LYS C 60 -39.28 -2.04 6.13
C LYS C 60 -39.74 -0.72 6.74
N ASP C 61 -38.81 0.21 6.96
CA ASP C 61 -39.16 1.51 7.54
C ASP C 61 -40.06 2.33 6.62
N PHE C 62 -40.04 2.08 5.31
CA PHE C 62 -40.87 2.84 4.38
C PHE C 62 -42.32 2.40 4.46
N ARG C 63 -42.59 1.08 4.34
CA ARG C 63 -43.96 0.59 4.42
C ARG C 63 -44.55 0.82 5.80
N HIS C 64 -43.71 0.84 6.84
CA HIS C 64 -44.18 1.18 8.17
C HIS C 64 -44.41 2.68 8.33
N GLY C 65 -43.56 3.50 7.69
CA GLY C 65 -43.68 4.94 7.81
C GLY C 65 -44.94 5.51 7.21
N PHE C 66 -45.60 4.76 6.34
CA PHE C 66 -46.90 5.18 5.80
C PHE C 66 -48.07 4.63 6.61
N ASP C 67 -47.92 3.44 7.20
CA ASP C 67 -48.98 2.87 8.02
C ASP C 67 -49.18 3.67 9.30
N ILE C 68 -48.10 4.19 9.88
CA ILE C 68 -48.20 5.04 11.06
C ILE C 68 -48.98 6.31 10.75
N LEU C 69 -48.68 6.94 9.61
CA LEU C 69 -49.33 8.19 9.24
C LEU C 69 -50.82 7.99 8.98
N VAL C 70 -51.20 6.88 8.34
CA VAL C 70 -52.61 6.61 8.11
C VAL C 70 -53.34 6.49 9.44
N GLY C 71 -52.73 5.80 10.41
CA GLY C 71 -53.33 5.71 11.73
C GLY C 71 -53.48 7.06 12.40
N GLN C 72 -52.45 7.90 12.33
CA GLN C 72 -52.56 9.25 12.87
C GLN C 72 -53.50 10.12 12.05
N ILE C 73 -53.54 9.90 10.73
CA ILE C 73 -54.60 10.51 9.93
C ILE C 73 -55.96 9.96 10.34
N ASP C 74 -56.03 8.64 10.56
CA ASP C 74 -57.26 8.03 11.04
C ASP C 74 -57.64 8.56 12.42
N ASP C 75 -56.63 8.81 13.27
CA ASP C 75 -56.89 9.38 14.58
C ASP C 75 -57.56 10.75 14.46
N ALA C 76 -57.16 11.53 13.45
CA ALA C 76 -57.69 12.88 13.30
C ALA C 76 -59.10 12.87 12.73
N LEU C 77 -59.46 11.85 11.95
CA LEU C 77 -60.81 11.77 11.39
C LEU C 77 -61.88 11.79 12.48
N LYS C 78 -61.67 11.01 13.54
CA LYS C 78 -62.63 11.01 14.64
C LYS C 78 -62.74 12.40 15.27
N LEU C 79 -61.59 13.07 15.49
CA LEU C 79 -61.59 14.39 16.10
C LEU C 79 -62.27 15.44 15.23
N ALA C 80 -62.48 15.15 13.95
CA ALA C 80 -63.24 16.05 13.08
C ALA C 80 -64.74 15.82 13.20
N ASN C 81 -65.16 14.55 13.32
CA ASN C 81 -66.57 14.22 13.37
C ASN C 81 -67.29 14.97 14.48
N GLU C 82 -66.70 15.01 15.67
CA GLU C 82 -67.26 15.78 16.77
C GLU C 82 -66.93 17.26 16.61
N LYS C 86 -61.37 21.20 14.70
CA LYS C 86 -61.10 22.16 15.77
C LYS C 86 -59.97 21.64 16.65
N GLU C 87 -60.26 20.59 17.41
CA GLU C 87 -59.24 19.93 18.20
C GLU C 87 -58.41 18.94 17.39
N ALA C 88 -58.73 18.77 16.10
CA ALA C 88 -57.94 17.91 15.23
C ALA C 88 -56.61 18.54 14.84
N GLN C 89 -56.38 19.82 15.20
CA GLN C 89 -55.12 20.47 14.87
C GLN C 89 -53.94 19.82 15.60
N ALA C 90 -54.16 19.34 16.83
CA ALA C 90 -53.09 18.68 17.57
C ALA C 90 -52.65 17.39 16.88
N ALA C 91 -53.60 16.59 16.40
CA ALA C 91 -53.25 15.37 15.67
C ALA C 91 -52.53 15.71 14.36
N ALA C 92 -52.96 16.77 13.69
CA ALA C 92 -52.28 17.21 12.47
C ALA C 92 -50.84 17.60 12.77
N GLU C 93 -50.60 18.25 13.91
CA GLU C 93 -49.23 18.58 14.31
C GLU C 93 -48.41 17.31 14.56
N GLN C 94 -49.00 16.33 15.24
CA GLN C 94 -48.35 15.03 15.40
C GLN C 94 -48.29 14.25 14.10
N LEU C 95 -49.01 14.69 13.06
CA LEU C 95 -49.02 14.02 11.77
C LEU C 95 -47.90 14.52 10.85
N LYS C 96 -47.58 15.82 10.90
CA LYS C 96 -46.50 16.33 10.07
C LYS C 96 -45.15 15.74 10.52
N THR C 97 -44.89 15.73 11.82
CA THR C 97 -43.64 15.16 12.31
C THR C 97 -43.50 13.70 11.88
N THR C 98 -44.61 12.95 11.81
CA THR C 98 -44.56 11.61 11.24
C THR C 98 -44.19 11.65 9.77
N ARG C 99 -44.81 12.56 9.01
CA ARG C 99 -44.47 12.70 7.60
C ARG C 99 -42.99 13.04 7.44
N ASN C 100 -42.47 13.87 8.34
CA ASN C 100 -41.04 14.17 8.33
C ASN C 100 -40.20 12.94 8.64
N ALA C 101 -40.72 12.02 9.46
CA ALA C 101 -39.97 10.82 9.81
C ALA C 101 -39.71 9.95 8.58
N TYR C 102 -40.71 9.78 7.72
CA TYR C 102 -40.49 9.07 6.46
C TYR C 102 -39.82 9.93 5.40
N ILE C 103 -39.73 11.24 5.63
CA ILE C 103 -38.86 12.06 4.78
C ILE C 103 -37.40 11.77 5.09
N GLN C 104 -37.04 11.71 6.38
CA GLN C 104 -35.65 11.43 6.76
C GLN C 104 -35.23 10.03 6.31
N LYS C 105 -36.13 9.06 6.44
CA LYS C 105 -35.84 7.72 5.93
C LYS C 105 -35.68 7.74 4.41
N TYR C 106 -36.52 8.51 3.72
CA TYR C 106 -36.40 8.65 2.27
C TYR C 106 -35.12 9.38 1.86
N LEU C 107 -34.49 10.11 2.79
CA LEU C 107 -33.26 10.82 2.49
C LEU C 107 -32.09 9.89 2.24
N GLY C 108 -32.22 8.60 2.56
CA GLY C 108 -31.12 7.67 2.33
C GLY C 108 -30.80 7.49 0.86
N SER C 109 -31.83 7.50 0.01
CA SER C 109 -31.64 7.29 -1.44
C SER C 109 -30.83 8.41 -2.08
C10 IVB D . -8.18 -7.16 -1.28
C13 IVB D . -8.52 -9.91 -0.27
C15 IVB D . -11.82 -9.84 -0.68
C17 IVB D . -6.93 -8.66 -2.67
C20 IVB D . -8.92 -11.25 0.00
C21 IVB D . -6.02 -6.40 -2.27
C22 IVB D . -6.15 -4.99 -2.80
C24 IVB D . -5.10 -3.94 -2.39
C26 IVB D . -8.34 -11.92 1.15
C28 IVB D . -13.96 -11.00 0.16
C08 IVB D . -9.25 -9.39 -1.53
C09 IVB D . -9.59 -7.91 -1.59
C11 IVB D . -10.48 -10.34 -1.53
C12 IVB D . -8.23 -9.51 -2.77
C14 IVB D . -10.75 -7.46 -0.71
C16 IVB D . -7.33 -7.69 -0.03
C18 IVB D . -12.03 -8.32 -0.84
C19 IVB D . -7.61 -9.14 0.48
C23 IVB D . -6.49 -3.90 -1.77
C25 IVB D . -7.06 -9.84 1.59
C27 IVB D . -7.41 -11.17 1.93
C29 IVB D . -13.59 -11.05 -2.30
C30 IVB D . -12.93 -10.77 -3.66
C31 IVB D . -13.43 -9.79 -4.45
C32 IVB D . -13.01 -9.31 -5.79
C33 IVB D . -11.69 -8.89 -6.21
C34 IVB D . -13.81 -9.13 -6.91
C35 IVB D . -11.75 -8.50 -7.54
N06 IVB D . -7.26 -7.23 -2.49
N07 IVB D . -13.14 -10.63 -0.99
O01 IVB D . -9.86 -11.57 -1.00
O02 IVB D . -10.03 -7.76 -2.93
O03 IVB D . -8.65 -13.22 1.52
O04 IVB D . -14.65 -11.67 -2.39
O05 IVB D . -13.06 -8.65 -7.97
#